data_3SZW
#
_entry.id   3SZW
#
_cell.length_a   149.907
_cell.length_b   149.907
_cell.length_c   81.386
_cell.angle_alpha   90.00
_cell.angle_beta   90.00
_cell.angle_gamma   120.00
#
_symmetry.space_group_name_H-M   'P 62 2 2'
#
loop_
_entity.id
_entity.type
_entity.pdbx_description
1 polymer 'Sulfide-quinone reductase, putative'
2 non-polymer 'FLAVIN-ADENINE DINUCLEOTIDE'
3 non-polymer DODECYL-BETA-D-MALTOSIDE
4 non-polymer 2-decyl-5,6-dimethoxy-3-methylcyclohexa-2,5-diene-1,4-dione
5 non-polymer 'SULFATE ION'
6 non-polymer 'HYDROSULFURIC ACID'
7 water water
#
_entity_poly.entity_id   1
_entity_poly.type   'polypeptide(L)'
_entity_poly.pdbx_seq_one_letter_code
;MRGSAHVVILGAGTGGMPAAYEMKEALGSGHEVTLISANDYFQFVPSNPWVGVGWKERDDIAFPIRHYVERKGIHFIAQS
AEQIDAEAQNITLADGNTVHYDYLMIATGPKLAFENVPGSDPHEGPVQSISTVDHAERAFAEYQALLREPGPIVIGAMAG
ASCFGPAYEYAMIVASDLKKRGMRDKIPSFTFITSEPYIGHLGIQGVGDSKGILTKGLKEEGIEAYTNCKVTKVEDNKMY
VTQVDEKGETIKEMVLPVKFGMMIPAFKGVPAVAGVEGLCNPGGFVLVDEHQRSKKYANIFAAGIAIAIPPVETTPVPTG
APKTGYMIESMVSAAVHNIKADLEGRKGEQTMGTWNAVCFADMGDRGAAFIALPQLKPRKVDVFAYGRWVHLAKVAFEKY
FIRKMKMGVSEPFYEKVLFKMMGITRLKEEDTHRKAS
;
_entity_poly.pdbx_strand_id   A
#
loop_
_chem_comp.id
_chem_comp.type
_chem_comp.name
_chem_comp.formula
DCQ non-polymer 2-decyl-5,6-dimethoxy-3-methylcyclohexa-2,5-diene-1,4-dione 'C19 H30 O4'
FAD non-polymer 'FLAVIN-ADENINE DINUCLEOTIDE' 'C27 H33 N9 O15 P2'
H2S non-polymer 'HYDROSULFURIC ACID' 'H2 S'
LMT D-saccharide DODECYL-BETA-D-MALTOSIDE 'C24 H46 O11'
SO4 non-polymer 'SULFATE ION' 'O4 S -2'
#
# COMPACT_ATOMS: atom_id res chain seq x y z
N MET A 1 -6.14 12.39 -29.32
CA MET A 1 -5.83 12.72 -30.70
C MET A 1 -5.12 14.06 -30.79
N ARG A 2 -4.58 14.38 -31.96
CA ARG A 2 -3.83 15.62 -32.13
C ARG A 2 -4.66 16.86 -31.76
N GLY A 3 -4.09 17.72 -30.92
CA GLY A 3 -4.76 18.93 -30.48
C GLY A 3 -5.82 18.66 -29.44
N SER A 4 -6.02 17.38 -29.14
CA SER A 4 -7.01 16.95 -28.16
C SER A 4 -6.51 15.66 -27.52
N ALA A 5 -5.33 15.73 -26.90
CA ALA A 5 -4.68 14.58 -26.33
C ALA A 5 -5.62 13.76 -25.44
N HIS A 6 -5.56 12.44 -25.62
CA HIS A 6 -6.30 11.51 -24.80
C HIS A 6 -5.41 11.04 -23.65
N VAL A 7 -5.84 11.30 -22.42
CA VAL A 7 -5.05 10.94 -21.24
C VAL A 7 -5.68 9.76 -20.52
N VAL A 8 -4.91 8.69 -20.36
CA VAL A 8 -5.41 7.52 -19.66
C VAL A 8 -4.76 7.38 -18.28
N ILE A 9 -5.59 7.05 -17.28
CA ILE A 9 -5.08 6.77 -15.94
C ILE A 9 -5.32 5.31 -15.61
N LEU A 10 -4.23 4.60 -15.37
CA LEU A 10 -4.28 3.16 -15.12
C LEU A 10 -4.23 2.87 -13.63
N GLY A 11 -5.36 2.46 -13.07
CA GLY A 11 -5.45 2.16 -11.65
C GLY A 11 -6.29 3.18 -10.90
N ALA A 12 -7.38 2.72 -10.28
CA ALA A 12 -8.26 3.59 -9.53
C ALA A 12 -8.13 3.39 -8.01
N GLY A 13 -6.95 3.64 -7.47
CA GLY A 13 -6.70 3.49 -6.05
C GLY A 13 -6.46 4.84 -5.37
N THR A 14 -5.66 4.82 -4.31
CA THR A 14 -5.33 6.03 -3.57
C THR A 14 -4.73 7.14 -4.46
N GLY A 15 -3.82 6.76 -5.34
CA GLY A 15 -3.27 7.72 -6.29
C GLY A 15 -4.17 7.92 -7.49
N GLY A 16 -4.65 6.82 -8.04
CA GLY A 16 -5.38 6.82 -9.30
C GLY A 16 -6.70 7.56 -9.34
N MET A 17 -7.53 7.37 -8.31
CA MET A 17 -8.82 8.04 -8.25
C MET A 17 -8.63 9.56 -8.26
N PRO A 18 -7.88 10.09 -7.29
CA PRO A 18 -7.63 11.53 -7.31
C PRO A 18 -7.01 11.98 -8.64
N ALA A 19 -6.11 11.19 -9.21
CA ALA A 19 -5.48 11.59 -10.47
C ALA A 19 -6.52 11.79 -11.60
N ALA A 20 -7.51 10.90 -11.67
CA ALA A 20 -8.54 11.02 -12.70
C ALA A 20 -9.30 12.34 -12.58
N TYR A 21 -9.77 12.67 -11.38
CA TYR A 21 -10.45 13.94 -11.15
C TYR A 21 -9.55 15.15 -11.44
N GLU A 22 -8.32 15.10 -10.94
CA GLU A 22 -7.44 16.25 -11.10
C GLU A 22 -7.08 16.44 -12.57
N MET A 23 -6.84 15.33 -13.27
CA MET A 23 -6.56 15.41 -14.69
C MET A 23 -7.73 16.09 -15.40
N LYS A 24 -8.93 15.58 -15.19
CA LYS A 24 -10.10 16.13 -15.85
C LYS A 24 -10.30 17.60 -15.52
N GLU A 25 -10.10 17.96 -14.27
CA GLU A 25 -10.24 19.34 -13.85
C GLU A 25 -9.20 20.23 -14.53
N ALA A 26 -7.97 19.72 -14.62
CA ALA A 26 -6.86 20.49 -15.19
C ALA A 26 -6.95 20.64 -16.72
N LEU A 27 -7.49 19.64 -17.39
CA LEU A 27 -7.54 19.61 -18.85
C LEU A 27 -8.84 20.19 -19.39
N GLY A 28 -9.94 19.88 -18.73
CA GLY A 28 -11.24 20.38 -19.15
C GLY A 28 -11.85 19.63 -20.31
N SER A 29 -12.93 20.19 -20.87
CA SER A 29 -13.77 19.51 -21.86
C SER A 29 -13.11 19.21 -23.20
N GLY A 30 -12.01 19.90 -23.50
CA GLY A 30 -11.32 19.68 -24.76
C GLY A 30 -10.46 18.42 -24.83
N HIS A 31 -10.31 17.72 -23.71
CA HIS A 31 -9.50 16.50 -23.67
C HIS A 31 -10.25 15.33 -23.05
N GLU A 32 -9.94 14.13 -23.56
CA GLU A 32 -10.55 12.92 -23.04
C GLU A 32 -9.69 12.33 -21.92
N VAL A 33 -10.33 12.12 -20.77
CA VAL A 33 -9.69 11.44 -19.65
C VAL A 33 -10.38 10.10 -19.41
N THR A 34 -9.59 9.03 -19.48
CA THR A 34 -10.10 7.69 -19.26
C THR A 34 -9.44 7.04 -18.05
N LEU A 35 -10.25 6.54 -17.13
CA LEU A 35 -9.77 5.79 -15.97
C LEU A 35 -10.00 4.29 -16.19
N ILE A 36 -8.94 3.49 -16.06
CA ILE A 36 -9.03 2.04 -16.22
C ILE A 36 -8.57 1.31 -14.96
N SER A 37 -9.40 0.43 -14.43
CA SER A 37 -9.03 -0.29 -13.21
C SER A 37 -9.61 -1.70 -13.13
N ALA A 38 -8.86 -2.59 -12.49
CA ALA A 38 -9.22 -4.00 -12.39
C ALA A 38 -10.57 -4.22 -11.70
N ASN A 39 -10.88 -3.39 -10.71
CA ASN A 39 -12.13 -3.51 -9.99
C ASN A 39 -13.04 -2.36 -10.35
N ASP A 40 -14.35 -2.54 -10.18
CA ASP A 40 -15.30 -1.47 -10.41
C ASP A 40 -15.59 -0.64 -9.16
N TYR A 41 -14.89 -0.94 -8.06
CA TYR A 41 -15.12 -0.20 -6.81
C TYR A 41 -13.82 0.39 -6.25
N PHE A 42 -13.94 1.46 -5.49
CA PHE A 42 -12.82 2.04 -4.76
C PHE A 42 -12.83 1.49 -3.35
N GLN A 43 -11.65 1.20 -2.80
CA GLN A 43 -11.57 0.77 -1.42
C GLN A 43 -10.58 1.64 -0.64
N PHE A 44 -10.90 1.91 0.62
CA PHE A 44 -9.97 2.66 1.47
C PHE A 44 -8.99 1.70 2.13
N VAL A 45 -7.84 1.52 1.50
CA VAL A 45 -6.86 0.51 1.88
C VAL A 45 -6.46 0.46 3.36
N PRO A 46 -6.23 1.62 4.00
CA PRO A 46 -5.81 1.58 5.41
C PRO A 46 -6.84 0.96 6.36
N SER A 47 -8.05 0.72 5.88
CA SER A 47 -9.08 0.13 6.73
C SER A 47 -9.16 -1.39 6.62
N ASN A 48 -8.36 -1.98 5.73
CA ASN A 48 -8.39 -3.43 5.53
C ASN A 48 -8.02 -4.30 6.77
N PRO A 49 -6.99 -3.90 7.54
CA PRO A 49 -6.70 -4.66 8.78
C PRO A 49 -7.95 -4.80 9.67
N TRP A 50 -8.75 -3.74 9.80
CA TRP A 50 -10.00 -3.83 10.55
C TRP A 50 -11.01 -4.79 9.91
N VAL A 51 -11.06 -4.83 8.59
CA VAL A 51 -11.90 -5.81 7.94
C VAL A 51 -11.35 -7.21 8.24
N GLY A 52 -10.03 -7.36 8.27
CA GLY A 52 -9.39 -8.64 8.54
C GLY A 52 -9.66 -9.22 9.93
N VAL A 53 -10.08 -8.37 10.85
CA VAL A 53 -10.41 -8.83 12.19
C VAL A 53 -11.91 -8.73 12.41
N GLY A 54 -12.62 -8.19 11.41
CA GLY A 54 -14.05 -8.08 11.49
C GLY A 54 -14.57 -6.84 12.20
N TRP A 55 -13.72 -5.86 12.42
CA TRP A 55 -14.19 -4.62 13.04
C TRP A 55 -14.89 -3.71 12.03
N LYS A 56 -14.71 -4.02 10.74
CA LYS A 56 -15.33 -3.28 9.65
C LYS A 56 -15.79 -4.26 8.56
N GLU A 57 -16.70 -3.79 7.72
CA GLU A 57 -17.23 -4.59 6.62
C GLU A 57 -16.86 -3.91 5.30
N ARG A 58 -16.93 -4.68 4.22
CA ARG A 58 -16.67 -4.15 2.89
C ARG A 58 -17.45 -2.85 2.64
N ASP A 59 -18.74 -2.85 2.96
CA ASP A 59 -19.61 -1.70 2.73
C ASP A 59 -19.12 -0.41 3.40
N ASP A 60 -18.37 -0.54 4.49
CA ASP A 60 -17.87 0.62 5.22
C ASP A 60 -16.74 1.32 4.49
N ILE A 61 -15.98 0.57 3.70
CA ILE A 61 -14.73 1.10 3.15
C ILE A 61 -14.67 1.12 1.61
N ALA A 62 -15.72 0.63 0.95
CA ALA A 62 -15.71 0.53 -0.50
C ALA A 62 -16.97 1.06 -1.13
N PHE A 63 -16.86 1.48 -2.38
CA PHE A 63 -18.02 2.00 -3.09
C PHE A 63 -17.80 1.91 -4.60
N PRO A 64 -18.89 1.82 -5.38
CA PRO A 64 -18.80 1.71 -6.85
C PRO A 64 -18.28 3.01 -7.46
N ILE A 65 -17.28 2.92 -8.32
CA ILE A 65 -16.64 4.10 -8.90
C ILE A 65 -17.44 4.82 -10.00
N ARG A 66 -18.02 4.06 -10.92
CA ARG A 66 -18.55 4.57 -12.18
C ARG A 66 -19.32 5.90 -12.11
N HIS A 67 -20.41 5.92 -11.35
CA HIS A 67 -21.25 7.10 -11.32
C HIS A 67 -20.45 8.34 -10.90
N TYR A 68 -19.52 8.17 -9.97
CA TYR A 68 -18.84 9.34 -9.41
C TYR A 68 -17.86 10.01 -10.38
N VAL A 69 -17.10 9.22 -11.14
CA VAL A 69 -16.18 9.80 -12.11
C VAL A 69 -16.92 10.22 -13.38
N GLU A 70 -17.96 9.48 -13.75
CA GLU A 70 -18.66 9.78 -15.00
C GLU A 70 -19.39 11.12 -14.94
N ARG A 71 -19.94 11.46 -13.79
CA ARG A 71 -20.63 12.74 -13.69
C ARG A 71 -19.61 13.88 -13.72
N LYS A 72 -18.33 13.52 -13.69
CA LYS A 72 -17.27 14.50 -13.88
C LYS A 72 -16.76 14.52 -15.32
N GLY A 73 -17.33 13.69 -16.18
CA GLY A 73 -16.91 13.63 -17.57
C GLY A 73 -15.74 12.69 -17.83
N ILE A 74 -15.43 11.85 -16.84
CA ILE A 74 -14.33 10.88 -16.95
C ILE A 74 -14.88 9.56 -17.43
N HIS A 75 -14.26 8.96 -18.45
CA HIS A 75 -14.68 7.64 -18.89
C HIS A 75 -14.08 6.62 -17.96
N PHE A 76 -14.85 5.58 -17.65
CA PHE A 76 -14.39 4.55 -16.74
C PHE A 76 -14.49 3.15 -17.33
N ILE A 77 -13.37 2.44 -17.35
CA ILE A 77 -13.35 1.06 -17.83
C ILE A 77 -12.96 0.13 -16.69
N ALA A 78 -13.91 -0.68 -16.24
CA ALA A 78 -13.65 -1.60 -15.13
C ALA A 78 -13.10 -2.90 -15.69
N GLN A 79 -11.85 -2.84 -16.14
CA GLN A 79 -11.23 -3.96 -16.81
C GLN A 79 -9.75 -3.88 -16.47
N SER A 80 -9.14 -5.03 -16.23
CA SER A 80 -7.70 -5.06 -15.98
C SER A 80 -6.89 -4.95 -17.28
N ALA A 81 -5.83 -4.13 -17.26
CA ALA A 81 -4.89 -4.11 -18.38
C ALA A 81 -3.98 -5.33 -18.28
N GLU A 82 -3.83 -6.03 -19.41
CA GLU A 82 -3.00 -7.23 -19.50
C GLU A 82 -1.70 -6.91 -20.22
N GLN A 83 -1.76 -5.97 -21.15
CA GLN A 83 -0.57 -5.65 -21.93
C GLN A 83 -0.51 -4.16 -22.24
N ILE A 84 0.69 -3.60 -22.14
CA ILE A 84 0.92 -2.22 -22.54
C ILE A 84 2.00 -2.18 -23.59
N ASP A 85 1.67 -1.63 -24.75
CA ASP A 85 2.63 -1.47 -25.84
C ASP A 85 2.96 0.00 -25.91
N ALA A 86 4.15 0.36 -25.44
CA ALA A 86 4.52 1.76 -25.29
C ALA A 86 4.95 2.37 -26.62
N GLU A 87 5.23 1.52 -27.59
CA GLU A 87 5.57 1.99 -28.92
C GLU A 87 4.32 2.47 -29.62
N ALA A 88 3.37 1.55 -29.79
CA ALA A 88 2.12 1.90 -30.44
C ALA A 88 1.22 2.72 -29.51
N GLN A 89 1.55 2.74 -28.22
CA GLN A 89 0.76 3.48 -27.24
C GLN A 89 -0.63 2.88 -27.10
N ASN A 90 -0.68 1.55 -27.11
CA ASN A 90 -1.93 0.81 -26.95
C ASN A 90 -1.96 -0.02 -25.69
N ILE A 91 -3.12 -0.05 -25.04
CA ILE A 91 -3.34 -0.89 -23.88
C ILE A 91 -4.31 -2.02 -24.22
N THR A 92 -3.88 -3.26 -23.98
CA THR A 92 -4.73 -4.42 -24.21
C THR A 92 -5.43 -4.85 -22.92
N LEU A 93 -6.76 -4.83 -22.93
CA LEU A 93 -7.55 -5.16 -21.76
C LEU A 93 -7.81 -6.66 -21.63
N ALA A 94 -8.19 -7.10 -20.43
CA ALA A 94 -8.49 -8.51 -20.17
C ALA A 94 -9.45 -9.13 -21.20
N ASP A 95 -10.43 -8.35 -21.65
CA ASP A 95 -11.38 -8.84 -22.64
C ASP A 95 -10.85 -8.75 -24.07
N GLY A 96 -9.58 -8.38 -24.22
CA GLY A 96 -8.97 -8.31 -25.54
C GLY A 96 -9.17 -7.00 -26.30
N ASN A 97 -10.08 -6.17 -25.82
CA ASN A 97 -10.24 -4.83 -26.35
C ASN A 97 -8.96 -4.02 -26.19
N THR A 98 -8.75 -3.04 -27.06
CA THR A 98 -7.55 -2.21 -27.02
C THR A 98 -7.93 -0.75 -26.79
N VAL A 99 -7.14 -0.06 -25.97
CA VAL A 99 -7.34 1.36 -25.70
C VAL A 99 -6.06 2.14 -26.00
N HIS A 100 -6.18 3.16 -26.85
CA HIS A 100 -5.05 4.00 -27.24
C HIS A 100 -4.92 5.21 -26.33
N TYR A 101 -3.72 5.72 -26.18
CA TYR A 101 -3.49 6.89 -25.35
C TYR A 101 -2.44 7.80 -25.97
N ASP A 102 -2.51 9.08 -25.63
CA ASP A 102 -1.45 10.03 -25.94
C ASP A 102 -0.54 10.22 -24.72
N TYR A 103 -1.17 10.28 -23.55
CA TYR A 103 -0.44 10.18 -22.30
C TYR A 103 -1.04 9.07 -21.44
N LEU A 104 -0.17 8.35 -20.77
CA LEU A 104 -0.56 7.28 -19.88
C LEU A 104 -0.04 7.61 -18.50
N MET A 105 -0.92 7.60 -17.50
CA MET A 105 -0.43 7.75 -16.13
C MET A 105 -0.67 6.48 -15.34
N ILE A 106 0.44 5.84 -14.99
CA ILE A 106 0.41 4.55 -14.32
C ILE A 106 0.28 4.71 -12.80
N ALA A 107 -0.83 4.23 -12.25
CA ALA A 107 -1.03 4.19 -10.81
C ALA A 107 -1.54 2.81 -10.36
N THR A 108 -0.80 1.78 -10.70
CA THR A 108 -1.28 0.41 -10.53
C THR A 108 -0.95 -0.21 -9.15
N GLY A 109 -0.18 0.50 -8.34
CA GLY A 109 0.08 0.07 -6.97
C GLY A 109 0.90 -1.21 -6.90
N PRO A 110 0.75 -1.98 -5.81
CA PRO A 110 1.64 -3.12 -5.68
C PRO A 110 1.05 -4.43 -6.21
N LYS A 111 1.92 -5.25 -6.77
CA LYS A 111 1.61 -6.66 -6.90
C LYS A 111 2.08 -7.31 -5.60
N LEU A 112 1.20 -8.09 -4.97
CA LEU A 112 1.54 -8.82 -3.76
C LEU A 112 2.36 -10.06 -4.16
N ALA A 113 3.65 -10.04 -3.84
CA ALA A 113 4.54 -11.07 -4.39
C ALA A 113 4.56 -12.36 -3.56
N PHE A 114 3.43 -13.03 -3.47
CA PHE A 114 3.37 -14.28 -2.71
C PHE A 114 4.35 -15.31 -3.26
N GLU A 115 4.66 -15.25 -4.55
CA GLU A 115 5.52 -16.25 -5.17
C GLU A 115 6.94 -16.26 -4.59
N ASN A 116 7.36 -15.19 -3.94
CA ASN A 116 8.66 -15.14 -3.28
C ASN A 116 8.79 -16.23 -2.21
N VAL A 117 7.66 -16.61 -1.62
CA VAL A 117 7.64 -17.61 -0.55
C VAL A 117 6.65 -18.73 -0.88
N PRO A 118 7.15 -19.86 -1.44
CA PRO A 118 6.27 -20.99 -1.77
C PRO A 118 5.35 -21.37 -0.62
N GLY A 119 4.08 -21.56 -0.93
CA GLY A 119 3.05 -21.86 0.05
C GLY A 119 2.44 -20.64 0.75
N SER A 120 2.98 -19.44 0.50
CA SER A 120 2.49 -18.27 1.25
C SER A 120 1.22 -17.64 0.69
N ASP A 121 0.85 -18.03 -0.54
CA ASP A 121 -0.35 -17.46 -1.15
C ASP A 121 -1.53 -17.80 -0.26
N PRO A 122 -2.40 -16.81 -0.03
CA PRO A 122 -3.56 -16.98 0.86
C PRO A 122 -4.46 -18.11 0.44
N HIS A 123 -4.49 -18.43 -0.86
CA HIS A 123 -5.31 -19.53 -1.37
C HIS A 123 -4.61 -20.89 -1.25
N GLU A 124 -3.32 -20.89 -0.92
CA GLU A 124 -2.55 -22.13 -0.81
C GLU A 124 -2.35 -22.64 0.63
N GLY A 125 -2.54 -21.78 1.61
CA GLY A 125 -2.29 -22.19 2.99
C GLY A 125 -2.88 -21.26 4.03
N PRO A 126 -2.42 -21.40 5.29
CA PRO A 126 -3.00 -20.67 6.41
C PRO A 126 -2.49 -19.23 6.53
N VAL A 127 -1.46 -18.86 5.78
CA VAL A 127 -0.96 -17.50 5.84
C VAL A 127 -1.79 -16.56 4.95
N GLN A 128 -2.58 -15.71 5.59
CA GLN A 128 -3.48 -14.80 4.89
C GLN A 128 -2.87 -13.40 4.63
N SER A 129 -3.68 -12.52 4.06
CA SER A 129 -3.26 -11.19 3.65
C SER A 129 -4.35 -10.19 4.03
N ILE A 130 -3.96 -8.97 4.42
CA ILE A 130 -4.96 -7.93 4.68
C ILE A 130 -4.84 -6.69 3.77
N SER A 131 -4.03 -6.78 2.72
CA SER A 131 -3.74 -5.62 1.85
C SER A 131 -4.92 -5.16 0.98
N THR A 132 -5.85 -6.05 0.69
CA THR A 132 -7.02 -5.71 -0.10
C THR A 132 -8.26 -6.19 0.64
N VAL A 133 -9.39 -5.59 0.33
CA VAL A 133 -10.60 -6.01 1.00
C VAL A 133 -10.95 -7.47 0.68
N ASP A 134 -10.64 -7.93 -0.54
CA ASP A 134 -10.90 -9.34 -0.87
C ASP A 134 -10.06 -10.25 0.04
N HIS A 135 -8.79 -9.91 0.20
CA HIS A 135 -7.92 -10.72 1.07
C HIS A 135 -8.31 -10.62 2.55
N ALA A 136 -8.62 -9.40 3.00
CA ALA A 136 -8.99 -9.17 4.39
C ALA A 136 -10.27 -9.92 4.79
N GLU A 137 -11.21 -10.05 3.86
CA GLU A 137 -12.39 -10.86 4.15
C GLU A 137 -12.02 -12.34 4.33
N ARG A 138 -11.11 -12.81 3.48
CA ARG A 138 -10.68 -14.19 3.57
C ARG A 138 -9.88 -14.36 4.87
N ALA A 139 -9.10 -13.34 5.22
CA ALA A 139 -8.38 -13.36 6.50
C ALA A 139 -9.36 -13.47 7.66
N PHE A 140 -10.44 -12.70 7.62
CA PHE A 140 -11.40 -12.75 8.70
C PHE A 140 -12.09 -14.12 8.78
N ALA A 141 -12.35 -14.72 7.63
CA ALA A 141 -13.01 -16.02 7.60
C ALA A 141 -12.13 -17.04 8.28
N GLU A 142 -10.82 -16.98 8.01
CA GLU A 142 -9.89 -17.90 8.64
C GLU A 142 -9.72 -17.59 10.13
N TYR A 143 -9.88 -16.30 10.48
CA TYR A 143 -9.89 -15.90 11.89
C TYR A 143 -11.06 -16.56 12.64
N GLN A 144 -12.22 -16.60 12.00
CA GLN A 144 -13.37 -17.25 12.62
C GLN A 144 -13.17 -18.76 12.76
N ALA A 145 -12.49 -19.36 11.80
CA ALA A 145 -12.19 -20.79 11.88
C ALA A 145 -11.21 -21.05 13.02
N LEU A 146 -10.28 -20.12 13.24
CA LEU A 146 -9.38 -20.20 14.39
C LEU A 146 -10.15 -20.21 15.71
N LEU A 147 -11.17 -19.35 15.83
CA LEU A 147 -12.02 -19.31 17.01
C LEU A 147 -12.70 -20.64 17.27
N ARG A 148 -13.08 -21.34 16.21
CA ARG A 148 -13.73 -22.63 16.36
C ARG A 148 -12.73 -23.71 16.79
N GLU A 149 -11.53 -23.64 16.23
CA GLU A 149 -10.46 -24.58 16.60
C GLU A 149 -9.17 -23.84 16.93
N PRO A 150 -9.06 -23.31 18.15
CA PRO A 150 -7.86 -22.53 18.48
C PRO A 150 -6.55 -23.26 18.15
N GLY A 151 -5.54 -22.49 17.75
CA GLY A 151 -4.24 -23.03 17.41
C GLY A 151 -3.25 -21.87 17.38
N PRO A 152 -2.00 -22.13 16.99
CA PRO A 152 -1.02 -21.07 17.07
C PRO A 152 -1.28 -19.98 16.02
N ILE A 153 -0.91 -18.75 16.38
CA ILE A 153 -1.07 -17.60 15.52
C ILE A 153 0.31 -17.07 15.14
N VAL A 154 0.50 -16.76 13.87
CA VAL A 154 1.74 -16.13 13.41
C VAL A 154 1.43 -14.93 12.48
N ILE A 155 1.80 -13.74 12.94
CA ILE A 155 1.57 -12.50 12.20
C ILE A 155 2.89 -11.75 12.04
N GLY A 156 3.05 -11.04 10.92
CA GLY A 156 4.30 -10.35 10.65
C GLY A 156 4.51 -9.84 9.24
N ALA A 157 5.77 -9.77 8.82
CA ALA A 157 6.11 -9.22 7.51
C ALA A 157 7.25 -9.99 6.87
N MET A 158 7.09 -10.33 5.59
CA MET A 158 8.10 -11.10 4.86
C MET A 158 9.35 -10.32 4.54
N ALA A 159 10.39 -11.04 4.13
CA ALA A 159 11.55 -10.45 3.51
C ALA A 159 11.06 -9.61 2.32
N GLY A 160 11.68 -8.46 2.11
CA GLY A 160 11.30 -7.58 1.02
C GLY A 160 10.05 -6.73 1.26
N ALA A 161 9.35 -6.95 2.37
CA ALA A 161 8.19 -6.12 2.69
C ALA A 161 8.62 -4.66 2.90
N SER A 162 7.67 -3.74 2.70
CA SER A 162 7.96 -2.31 2.83
C SER A 162 6.87 -1.60 3.62
N CYS A 163 5.85 -2.37 3.98
CA CYS A 163 4.66 -1.85 4.64
C CYS A 163 4.47 -2.53 6.00
N PHE A 164 5.17 -2.07 7.02
CA PHE A 164 5.24 -2.81 8.29
C PHE A 164 4.16 -2.44 9.29
N GLY A 165 3.76 -1.18 9.30
CA GLY A 165 2.74 -0.70 10.22
C GLY A 165 1.54 -1.63 10.38
N PRO A 166 0.86 -1.95 9.27
CA PRO A 166 -0.35 -2.78 9.32
C PRO A 166 -0.13 -4.16 9.94
N ALA A 167 1.09 -4.70 9.86
CA ALA A 167 1.35 -5.99 10.51
C ALA A 167 1.27 -5.80 12.02
N TYR A 168 1.91 -4.75 12.52
CA TYR A 168 1.82 -4.42 13.95
C TYR A 168 0.39 -4.15 14.35
N GLU A 169 -0.28 -3.29 13.60
CA GLU A 169 -1.69 -3.01 13.84
C GLU A 169 -2.50 -4.31 13.92
N TYR A 170 -2.29 -5.20 12.95
CA TYR A 170 -3.14 -6.38 12.87
C TYR A 170 -2.89 -7.31 14.04
N ALA A 171 -1.63 -7.46 14.44
CA ALA A 171 -1.31 -8.30 15.58
C ALA A 171 -2.01 -7.75 16.83
N MET A 172 -1.97 -6.43 16.99
CA MET A 172 -2.53 -5.79 18.19
C MET A 172 -4.04 -5.96 18.28
N ILE A 173 -4.74 -5.79 17.15
CA ILE A 173 -6.21 -5.85 17.20
C ILE A 173 -6.72 -7.28 17.22
N VAL A 174 -5.93 -8.21 16.67
CA VAL A 174 -6.25 -9.62 16.83
C VAL A 174 -6.14 -9.99 18.31
N ALA A 175 -5.04 -9.61 18.95
CA ALA A 175 -4.87 -9.84 20.37
C ALA A 175 -6.04 -9.22 21.12
N SER A 176 -6.39 -8.00 20.74
CA SER A 176 -7.48 -7.28 21.41
C SER A 176 -8.83 -7.95 21.23
N ASP A 177 -9.11 -8.42 20.02
CA ASP A 177 -10.37 -9.08 19.73
C ASP A 177 -10.49 -10.40 20.48
N LEU A 178 -9.39 -11.14 20.52
CA LEU A 178 -9.34 -12.40 21.26
C LEU A 178 -9.75 -12.19 22.72
N LYS A 179 -9.20 -11.15 23.36
CA LYS A 179 -9.55 -10.85 24.75
C LYS A 179 -11.04 -10.60 24.88
N LYS A 180 -11.56 -9.76 23.99
CA LYS A 180 -12.97 -9.40 23.99
C LYS A 180 -13.87 -10.62 23.90
N ARG A 181 -13.43 -11.62 23.14
CA ARG A 181 -14.22 -12.83 22.97
C ARG A 181 -13.97 -13.83 24.10
N GLY A 182 -13.05 -13.50 24.99
CA GLY A 182 -12.66 -14.39 26.07
C GLY A 182 -11.98 -15.64 25.54
N MET A 183 -11.21 -15.46 24.47
CA MET A 183 -10.64 -16.58 23.73
C MET A 183 -9.10 -16.52 23.69
N ARG A 184 -8.53 -15.47 24.29
CA ARG A 184 -7.10 -15.23 24.21
C ARG A 184 -6.27 -16.33 24.87
N ASP A 185 -6.81 -16.91 25.94
CA ASP A 185 -6.09 -17.93 26.70
C ASP A 185 -6.18 -19.31 26.03
N LYS A 186 -7.01 -19.40 25.00
CA LYS A 186 -7.11 -20.63 24.21
C LYS A 186 -5.98 -20.73 23.18
N ILE A 187 -5.25 -19.65 23.00
CA ILE A 187 -4.20 -19.59 21.98
C ILE A 187 -2.88 -20.13 22.52
N PRO A 188 -2.38 -21.24 21.93
CA PRO A 188 -1.15 -21.94 22.36
C PRO A 188 0.09 -21.05 22.27
N SER A 189 0.21 -20.30 21.18
CA SER A 189 1.32 -19.38 21.02
C SER A 189 0.95 -18.30 20.01
N PHE A 190 1.49 -17.11 20.22
CA PHE A 190 1.20 -15.95 19.38
C PHE A 190 2.56 -15.35 19.06
N THR A 191 2.96 -15.43 17.79
CA THR A 191 4.30 -15.07 17.39
C THR A 191 4.26 -13.97 16.34
N PHE A 192 5.23 -13.05 16.41
CA PHE A 192 5.34 -11.97 15.43
C PHE A 192 6.67 -12.14 14.73
N ILE A 193 6.64 -12.30 13.42
CA ILE A 193 7.83 -12.57 12.64
C ILE A 193 8.08 -11.42 11.67
N THR A 194 9.26 -10.83 11.72
CA THR A 194 9.54 -9.73 10.82
C THR A 194 10.94 -9.74 10.23
N SER A 195 11.04 -9.16 9.05
CA SER A 195 12.29 -8.98 8.32
C SER A 195 13.03 -7.76 8.82
N GLU A 196 12.35 -6.91 9.59
CA GLU A 196 13.00 -5.75 10.21
C GLU A 196 14.21 -6.21 11.00
N PRO A 197 15.26 -5.37 11.03
CA PRO A 197 16.47 -5.60 11.83
C PRO A 197 16.17 -5.46 13.31
N TYR A 198 15.17 -4.64 13.64
CA TYR A 198 14.68 -4.56 15.01
C TYR A 198 13.21 -4.16 15.02
N ILE A 199 12.52 -4.45 16.11
CA ILE A 199 11.12 -4.10 16.26
C ILE A 199 10.93 -2.60 16.07
N GLY A 200 9.98 -2.23 15.22
CA GLY A 200 9.69 -0.82 14.99
C GLY A 200 10.69 -0.07 14.11
N HIS A 201 11.52 -0.81 13.38
CA HIS A 201 12.37 -0.20 12.35
C HIS A 201 11.47 0.37 11.24
N LEU A 202 10.41 -0.37 10.92
CA LEU A 202 9.35 0.04 10.00
C LEU A 202 9.83 0.35 8.59
N GLY A 203 10.99 -0.19 8.21
CA GLY A 203 11.58 0.09 6.92
C GLY A 203 12.12 1.50 6.79
N ILE A 204 12.13 2.25 7.89
CA ILE A 204 12.61 3.64 7.85
C ILE A 204 13.62 3.96 8.96
N GLN A 205 14.27 2.92 9.47
CA GLN A 205 15.26 3.05 10.54
C GLN A 205 14.61 3.64 11.79
N GLY A 206 13.34 3.32 11.99
CA GLY A 206 12.65 3.76 13.19
C GLY A 206 12.23 5.23 13.12
N VAL A 207 11.28 5.59 13.96
CA VAL A 207 10.77 6.95 14.01
C VAL A 207 10.29 7.23 15.43
N GLY A 208 10.74 8.34 16.01
CA GLY A 208 10.43 8.63 17.41
C GLY A 208 10.83 7.41 18.22
N ASP A 209 10.02 7.00 19.18
CA ASP A 209 10.36 5.84 19.98
C ASP A 209 9.58 4.61 19.53
N SER A 210 9.42 4.46 18.22
CA SER A 210 8.67 3.32 17.66
C SER A 210 9.25 2.00 18.17
N LYS A 211 10.56 1.93 18.26
CA LYS A 211 11.18 0.71 18.75
C LYS A 211 10.69 0.36 20.15
N GLY A 212 10.82 1.30 21.08
CA GLY A 212 10.48 1.05 22.46
C GLY A 212 9.00 0.77 22.64
N ILE A 213 8.18 1.56 21.95
CA ILE A 213 6.73 1.49 22.11
C ILE A 213 6.12 0.24 21.48
N LEU A 214 6.56 -0.14 20.28
CA LEU A 214 6.04 -1.36 19.69
C LEU A 214 6.54 -2.62 20.42
N THR A 215 7.79 -2.59 20.88
CA THR A 215 8.33 -3.69 21.70
C THR A 215 7.48 -3.94 22.94
N LYS A 216 7.21 -2.87 23.69
CA LYS A 216 6.41 -2.97 24.90
C LYS A 216 4.97 -3.40 24.60
N GLY A 217 4.40 -2.88 23.52
CA GLY A 217 3.07 -3.26 23.11
C GLY A 217 2.91 -4.75 22.82
N LEU A 218 3.82 -5.30 22.03
CA LEU A 218 3.82 -6.74 21.74
C LEU A 218 3.97 -7.56 23.02
N LYS A 219 4.87 -7.11 23.90
CA LYS A 219 5.08 -7.80 25.18
C LYS A 219 3.83 -7.75 26.09
N GLU A 220 3.18 -6.59 26.16
CA GLU A 220 1.92 -6.46 26.91
C GLU A 220 0.90 -7.49 26.45
N GLU A 221 0.89 -7.79 25.15
CA GLU A 221 -0.10 -8.70 24.60
C GLU A 221 0.33 -10.16 24.60
N GLY A 222 1.49 -10.43 25.20
CA GLY A 222 2.01 -11.79 25.23
C GLY A 222 2.37 -12.31 23.85
N ILE A 223 2.79 -11.40 22.97
CA ILE A 223 3.24 -11.76 21.64
C ILE A 223 4.77 -11.82 21.59
N GLU A 224 5.29 -13.02 21.35
CA GLU A 224 6.72 -13.27 21.22
C GLU A 224 7.20 -12.82 19.84
N ALA A 225 8.26 -12.03 19.81
CA ALA A 225 8.69 -11.38 18.58
C ALA A 225 10.11 -11.74 18.13
N TYR A 226 10.27 -11.96 16.83
CA TYR A 226 11.55 -12.30 16.23
C TYR A 226 11.86 -11.36 15.06
N THR A 227 13.08 -10.82 15.04
CA THR A 227 13.49 -9.93 13.96
C THR A 227 14.55 -10.61 13.08
N ASN A 228 14.92 -9.94 11.99
CA ASN A 228 15.92 -10.46 11.07
C ASN A 228 15.55 -11.84 10.53
N CYS A 229 14.25 -12.02 10.28
CA CYS A 229 13.71 -13.27 9.80
C CYS A 229 13.28 -13.19 8.34
N LYS A 230 13.45 -14.29 7.63
CA LYS A 230 12.84 -14.51 6.34
C LYS A 230 12.15 -15.85 6.40
N VAL A 231 11.02 -15.94 5.72
CA VAL A 231 10.29 -17.19 5.59
C VAL A 231 10.66 -17.88 4.27
N THR A 232 11.17 -19.11 4.35
CA THR A 232 11.67 -19.77 3.16
C THR A 232 10.53 -20.51 2.45
N LYS A 233 9.58 -21.01 3.23
CA LYS A 233 8.39 -21.64 2.66
C LYS A 233 7.31 -21.82 3.73
N VAL A 234 6.09 -22.01 3.25
CA VAL A 234 4.97 -22.42 4.09
C VAL A 234 4.51 -23.74 3.52
N GLU A 235 4.41 -24.76 4.37
CA GLU A 235 4.16 -26.12 3.90
C GLU A 235 3.60 -26.97 5.04
N ASP A 236 2.59 -27.77 4.71
CA ASP A 236 1.89 -28.59 5.69
C ASP A 236 1.46 -27.78 6.92
N ASN A 237 1.03 -26.54 6.68
CA ASN A 237 0.56 -25.69 7.77
C ASN A 237 1.68 -25.34 8.73
N LYS A 238 2.89 -25.24 8.20
CA LYS A 238 4.00 -24.80 9.02
C LYS A 238 4.79 -23.75 8.26
N MET A 239 5.32 -22.81 9.02
CA MET A 239 6.11 -21.72 8.46
C MET A 239 7.57 -22.02 8.74
N TYR A 240 8.37 -22.05 7.69
CA TYR A 240 9.78 -22.33 7.84
C TYR A 240 10.53 -21.01 7.85
N VAL A 241 11.07 -20.66 9.01
CA VAL A 241 11.66 -19.37 9.20
C VAL A 241 13.16 -19.50 9.37
N THR A 242 13.90 -18.62 8.72
CA THR A 242 15.35 -18.53 8.90
C THR A 242 15.72 -17.17 9.52
N GLN A 243 16.46 -17.19 10.62
CA GLN A 243 16.88 -15.96 11.26
C GLN A 243 18.37 -15.74 11.06
N VAL A 244 18.73 -14.52 10.67
CA VAL A 244 20.14 -14.19 10.48
C VAL A 244 20.67 -13.19 11.52
N ASP A 245 21.99 -13.06 11.60
CA ASP A 245 22.62 -12.00 12.39
C ASP A 245 22.94 -10.80 11.49
N GLU A 246 23.62 -9.81 12.05
CA GLU A 246 23.93 -8.56 11.32
C GLU A 246 24.59 -8.82 9.97
N LYS A 247 25.39 -9.88 9.90
CA LYS A 247 26.13 -10.18 8.69
C LYS A 247 25.43 -11.18 7.80
N GLY A 248 24.13 -11.39 8.04
CA GLY A 248 23.35 -12.29 7.22
C GLY A 248 23.70 -13.77 7.40
N GLU A 249 24.46 -14.07 8.45
CA GLU A 249 24.74 -15.47 8.78
C GLU A 249 23.54 -16.04 9.53
N THR A 250 23.16 -17.27 9.20
CA THR A 250 22.06 -17.92 9.87
C THR A 250 22.42 -18.16 11.34
N ILE A 251 21.57 -17.70 12.25
CA ILE A 251 21.79 -18.00 13.65
C ILE A 251 20.72 -18.96 14.14
N LYS A 252 19.64 -19.09 13.39
CA LYS A 252 18.73 -20.20 13.63
C LYS A 252 17.65 -20.38 12.59
N GLU A 253 17.08 -21.58 12.59
CA GLU A 253 15.95 -21.90 11.75
C GLU A 253 14.85 -22.38 12.67
N MET A 254 13.62 -22.03 12.36
CA MET A 254 12.48 -22.39 13.18
C MET A 254 11.41 -23.01 12.32
N VAL A 255 10.64 -23.93 12.88
CA VAL A 255 9.46 -24.43 12.21
C VAL A 255 8.27 -24.13 13.11
N LEU A 256 7.36 -23.31 12.58
CA LEU A 256 6.23 -22.81 13.35
C LEU A 256 4.93 -23.33 12.75
N PRO A 257 4.20 -24.11 13.55
CA PRO A 257 2.87 -24.53 13.12
C PRO A 257 2.00 -23.29 13.09
N VAL A 258 1.05 -23.23 12.16
CA VAL A 258 0.20 -22.05 12.01
C VAL A 258 -1.23 -22.48 11.79
N LYS A 259 -2.10 -22.15 12.74
CA LYS A 259 -3.52 -22.36 12.57
C LYS A 259 -4.10 -21.10 11.92
N PHE A 260 -3.63 -19.95 12.38
CA PHE A 260 -4.04 -18.69 11.77
C PHE A 260 -2.82 -17.79 11.58
N GLY A 261 -2.67 -17.25 10.38
CA GLY A 261 -1.50 -16.46 10.08
C GLY A 261 -1.77 -15.35 9.10
N MET A 262 -0.90 -14.34 9.11
CA MET A 262 -1.01 -13.18 8.24
C MET A 262 0.38 -12.56 8.14
N MET A 263 1.02 -12.67 6.98
CA MET A 263 2.33 -12.04 6.78
C MET A 263 2.20 -11.05 5.62
N ILE A 264 2.63 -9.81 5.86
CA ILE A 264 2.65 -8.80 4.78
C ILE A 264 3.67 -9.22 3.73
N PRO A 265 3.23 -9.40 2.47
CA PRO A 265 4.21 -9.88 1.49
C PRO A 265 5.08 -8.74 0.96
N ALA A 266 6.15 -9.10 0.25
CA ALA A 266 6.93 -8.13 -0.51
C ALA A 266 6.11 -7.61 -1.69
N PHE A 267 6.30 -6.34 -2.04
CA PHE A 267 5.59 -5.69 -3.15
C PHE A 267 6.45 -5.67 -4.40
N LYS A 268 5.89 -6.06 -5.54
CA LYS A 268 6.51 -5.80 -6.84
C LYS A 268 5.56 -4.99 -7.70
N GLY A 269 6.00 -4.63 -8.91
CA GLY A 269 5.12 -3.95 -9.85
C GLY A 269 4.18 -4.96 -10.48
N VAL A 270 2.98 -4.54 -10.86
CA VAL A 270 2.04 -5.45 -11.50
C VAL A 270 2.59 -5.92 -12.86
N PRO A 271 2.20 -7.12 -13.28
CA PRO A 271 2.77 -7.75 -14.48
C PRO A 271 2.63 -6.90 -15.76
N ALA A 272 1.49 -6.26 -15.96
CA ALA A 272 1.27 -5.50 -17.20
C ALA A 272 2.23 -4.32 -17.32
N VAL A 273 2.60 -3.76 -16.17
CA VAL A 273 3.51 -2.61 -16.15
C VAL A 273 4.96 -3.09 -16.20
N ALA A 274 5.28 -4.10 -15.39
CA ALA A 274 6.62 -4.68 -15.34
C ALA A 274 6.97 -5.23 -16.71
N GLY A 275 5.95 -5.75 -17.39
CA GLY A 275 6.14 -6.34 -18.70
C GLY A 275 6.56 -5.36 -19.79
N VAL A 276 6.49 -4.05 -19.53
CA VAL A 276 6.87 -3.07 -20.55
C VAL A 276 8.39 -2.92 -20.66
N GLU A 277 8.93 -3.18 -21.84
CA GLU A 277 10.39 -3.23 -21.98
C GLU A 277 11.05 -1.88 -21.66
N GLY A 278 12.01 -1.91 -20.76
CA GLY A 278 12.79 -0.72 -20.45
C GLY A 278 12.06 0.26 -19.58
N LEU A 279 10.85 -0.08 -19.20
CA LEU A 279 10.06 0.83 -18.37
C LEU A 279 10.49 0.77 -16.90
N CYS A 280 10.83 -0.42 -16.43
CA CYS A 280 10.90 -0.70 -15.00
C CYS A 280 12.24 -1.27 -14.56
N ASN A 281 12.56 -1.12 -13.28
CA ASN A 281 13.68 -1.87 -12.70
C ASN A 281 13.29 -3.35 -12.54
N PRO A 282 14.22 -4.21 -12.09
CA PRO A 282 13.90 -5.64 -12.00
C PRO A 282 12.70 -5.94 -11.09
N GLY A 283 12.42 -5.06 -10.14
CA GLY A 283 11.27 -5.21 -9.27
C GLY A 283 9.94 -4.92 -9.95
N GLY A 284 9.99 -4.32 -11.14
CA GLY A 284 8.77 -3.97 -11.85
C GLY A 284 8.23 -2.60 -11.48
N PHE A 285 9.07 -1.79 -10.82
CA PHE A 285 8.71 -0.41 -10.48
C PHE A 285 9.15 0.58 -11.55
N VAL A 286 8.24 1.46 -11.95
CA VAL A 286 8.49 2.39 -13.06
C VAL A 286 9.61 3.37 -12.72
N LEU A 287 10.65 3.42 -13.54
CA LEU A 287 11.73 4.38 -13.32
C LEU A 287 11.29 5.76 -13.84
N VAL A 288 11.19 6.73 -12.93
CA VAL A 288 10.71 8.06 -13.29
C VAL A 288 11.71 9.10 -12.85
N ASP A 289 11.58 10.30 -13.39
CA ASP A 289 12.40 11.42 -12.94
C ASP A 289 11.63 12.14 -11.85
N GLU A 290 12.15 13.29 -11.43
CA GLU A 290 11.54 14.04 -10.34
C GLU A 290 10.20 14.66 -10.73
N HIS A 291 9.89 14.64 -12.02
CA HIS A 291 8.64 15.20 -12.50
C HIS A 291 7.59 14.12 -12.73
N GLN A 292 7.94 12.90 -12.30
CA GLN A 292 7.05 11.73 -12.39
C GLN A 292 6.97 11.16 -13.80
N ARG A 293 7.83 11.66 -14.70
CA ARG A 293 7.87 11.18 -16.06
C ARG A 293 8.81 9.98 -16.17
N SER A 294 8.36 8.95 -16.89
CA SER A 294 9.22 7.80 -17.18
C SER A 294 10.51 8.29 -17.86
N LYS A 295 11.64 7.70 -17.49
CA LYS A 295 12.90 8.06 -18.12
C LYS A 295 13.01 7.54 -19.56
N LYS A 296 12.13 6.62 -19.95
CA LYS A 296 12.22 6.02 -21.27
C LYS A 296 11.16 6.56 -22.24
N TYR A 297 9.94 6.74 -21.75
CA TYR A 297 8.86 7.25 -22.60
C TYR A 297 8.35 8.58 -22.07
N ALA A 298 8.53 9.64 -22.85
CA ALA A 298 8.19 10.98 -22.38
C ALA A 298 6.68 11.17 -22.15
N ASN A 299 5.86 10.28 -22.70
CA ASN A 299 4.40 10.41 -22.55
C ASN A 299 3.80 9.38 -21.59
N ILE A 300 4.67 8.76 -20.80
CA ILE A 300 4.23 7.89 -19.72
C ILE A 300 4.68 8.47 -18.40
N PHE A 301 3.74 8.68 -17.48
CA PHE A 301 4.05 9.13 -16.14
C PHE A 301 3.60 8.06 -15.14
N ALA A 302 4.10 8.14 -13.92
CA ALA A 302 3.69 7.20 -12.89
C ALA A 302 3.65 7.86 -11.52
N ALA A 303 2.75 7.37 -10.67
CA ALA A 303 2.65 7.83 -9.29
C ALA A 303 2.24 6.69 -8.41
N GLY A 304 2.45 6.85 -7.10
CA GLY A 304 2.00 5.87 -6.14
C GLY A 304 3.04 4.81 -5.88
N ILE A 305 2.58 3.65 -5.43
CA ILE A 305 3.50 2.56 -5.12
C ILE A 305 4.20 2.06 -6.39
N ALA A 306 3.57 2.30 -7.52
CA ALA A 306 4.09 1.85 -8.82
C ALA A 306 5.46 2.40 -9.19
N ILE A 307 5.85 3.56 -8.65
CA ILE A 307 7.13 4.13 -9.03
C ILE A 307 8.28 3.54 -8.24
N ALA A 308 9.47 3.59 -8.83
CA ALA A 308 10.68 3.14 -8.16
C ALA A 308 11.27 4.26 -7.32
N ILE A 309 11.60 3.94 -6.07
CA ILE A 309 12.34 4.84 -5.21
C ILE A 309 13.55 4.10 -4.65
N PRO A 310 14.76 4.64 -4.89
CA PRO A 310 16.03 4.04 -4.49
C PRO A 310 16.09 3.83 -2.99
N PRO A 311 16.68 2.72 -2.52
CA PRO A 311 16.91 2.48 -1.09
C PRO A 311 18.02 3.39 -0.57
N VAL A 312 17.96 3.72 0.71
CA VAL A 312 18.98 4.59 1.30
C VAL A 312 19.76 3.82 2.34
N GLU A 313 19.38 2.56 2.52
CA GLU A 313 19.96 1.71 3.55
C GLU A 313 19.83 0.26 3.13
N THR A 314 20.63 -0.61 3.73
CA THR A 314 20.55 -2.04 3.42
C THR A 314 20.50 -2.88 4.71
N THR A 315 19.43 -3.64 4.89
CA THR A 315 19.24 -4.44 6.10
C THR A 315 19.68 -5.89 5.91
N PRO A 316 20.02 -6.58 7.01
CA PRO A 316 20.49 -7.97 6.97
C PRO A 316 19.52 -8.87 6.19
N VAL A 317 18.23 -8.73 6.46
CA VAL A 317 17.21 -9.33 5.62
C VAL A 317 16.61 -8.22 4.76
N PRO A 318 16.47 -8.45 3.45
CA PRO A 318 16.01 -7.36 2.59
C PRO A 318 14.70 -6.77 3.12
N THR A 319 14.59 -5.44 3.08
CA THR A 319 13.37 -4.72 3.43
C THR A 319 13.31 -3.45 2.59
N GLY A 320 12.12 -2.85 2.49
CA GLY A 320 12.00 -1.61 1.74
C GLY A 320 11.33 -0.52 2.54
N ALA A 321 11.46 0.73 2.08
CA ALA A 321 10.78 1.87 2.70
C ALA A 321 9.37 2.01 2.14
N PRO A 322 8.41 2.37 3.00
CA PRO A 322 7.02 2.49 2.51
C PRO A 322 6.79 3.74 1.65
N LYS A 323 5.78 3.64 0.79
CA LYS A 323 5.33 4.79 -0.01
C LYS A 323 3.93 5.08 0.44
N THR A 324 3.75 6.23 1.08
CA THR A 324 2.52 6.50 1.78
C THR A 324 1.75 7.69 1.21
N GLY A 325 0.60 7.98 1.82
CA GLY A 325 -0.46 8.74 1.19
C GLY A 325 -0.17 10.17 0.75
N TYR A 326 0.40 10.96 1.65
CA TYR A 326 0.71 12.34 1.31
C TYR A 326 1.74 12.45 0.18
N MET A 327 2.80 11.63 0.24
CA MET A 327 3.78 11.62 -0.84
C MET A 327 3.15 11.16 -2.17
N ILE A 328 2.27 10.17 -2.10
CA ILE A 328 1.59 9.68 -3.29
C ILE A 328 0.78 10.81 -3.90
N GLU A 329 0.06 11.55 -3.06
CA GLU A 329 -0.73 12.66 -3.55
CA GLU A 329 -0.74 12.66 -3.54
C GLU A 329 0.13 13.76 -4.15
N SER A 330 1.30 14.01 -3.56
CA SER A 330 2.21 15.00 -4.14
C SER A 330 2.69 14.52 -5.51
N MET A 331 2.98 13.22 -5.62
CA MET A 331 3.36 12.62 -6.90
C MET A 331 2.26 12.85 -7.92
N VAL A 332 1.03 12.51 -7.52
CA VAL A 332 -0.12 12.65 -8.42
C VAL A 332 -0.23 14.10 -8.89
N SER A 333 -0.24 15.01 -7.92
CA SER A 333 -0.33 16.42 -8.22
C SER A 333 0.74 16.86 -9.23
N ALA A 334 1.97 16.42 -9.00
CA ALA A 334 3.06 16.79 -9.91
C ALA A 334 2.83 16.23 -11.32
N ALA A 335 2.49 14.95 -11.40
CA ALA A 335 2.28 14.32 -12.72
C ALA A 335 1.21 15.06 -13.52
N VAL A 336 0.12 15.44 -12.86
CA VAL A 336 -0.98 16.11 -13.55
C VAL A 336 -0.55 17.48 -14.04
N HIS A 337 0.19 18.20 -13.20
CA HIS A 337 0.66 19.52 -13.56
C HIS A 337 1.58 19.45 -14.78
N ASN A 338 2.50 18.49 -14.76
CA ASN A 338 3.48 18.35 -15.83
C ASN A 338 2.93 17.79 -17.14
N ILE A 339 1.86 17.01 -17.05
CA ILE A 339 1.21 16.53 -18.26
C ILE A 339 0.51 17.70 -18.95
N LYS A 340 -0.25 18.46 -18.16
CA LYS A 340 -0.93 19.64 -18.65
C LYS A 340 0.06 20.63 -19.27
N ALA A 341 1.23 20.76 -18.64
CA ALA A 341 2.28 21.63 -19.17
C ALA A 341 2.72 21.16 -20.54
N ASP A 342 2.97 19.87 -20.66
CA ASP A 342 3.34 19.27 -21.92
C ASP A 342 2.35 19.63 -23.00
N LEU A 343 1.07 19.48 -22.67
CA LEU A 343 -0.01 19.75 -23.62
C LEU A 343 -0.04 21.19 -24.06
N GLU A 344 0.67 22.05 -23.33
CA GLU A 344 0.64 23.47 -23.61
C GLU A 344 2.02 24.04 -23.93
N GLY A 345 2.94 23.18 -24.37
CA GLY A 345 4.26 23.61 -24.77
C GLY A 345 5.32 23.54 -23.69
N ARG A 346 5.12 24.33 -22.63
CA ARG A 346 6.09 24.44 -21.54
C ARG A 346 6.51 23.10 -20.95
N LYS A 347 7.68 23.09 -20.30
CA LYS A 347 8.07 21.92 -19.52
C LYS A 347 7.69 22.12 -18.05
N GLY A 348 6.95 21.16 -17.51
CA GLY A 348 6.55 21.21 -16.12
C GLY A 348 7.75 21.00 -15.23
N GLU A 349 7.86 21.81 -14.20
CA GLU A 349 8.98 21.71 -13.28
C GLU A 349 8.55 21.20 -11.92
N GLN A 350 7.27 20.85 -11.79
CA GLN A 350 6.76 20.41 -10.49
C GLN A 350 7.32 19.05 -10.09
N THR A 351 7.66 18.91 -8.81
CA THR A 351 8.21 17.67 -8.28
C THR A 351 7.32 17.19 -7.14
N MET A 352 7.59 15.99 -6.65
CA MET A 352 6.79 15.45 -5.54
C MET A 352 7.20 16.09 -4.22
N GLY A 353 8.32 16.80 -4.23
CA GLY A 353 8.82 17.45 -3.03
C GLY A 353 9.70 16.53 -2.18
N THR A 354 9.73 16.79 -0.90
CA THR A 354 10.62 16.07 0.00
C THR A 354 10.04 14.68 0.26
N TRP A 355 10.90 13.67 0.27
CA TRP A 355 10.44 12.34 0.64
C TRP A 355 9.90 12.40 2.07
N ASN A 356 8.77 11.73 2.29
CA ASN A 356 8.25 11.60 3.64
C ASN A 356 7.44 10.33 3.81
N ALA A 357 7.25 9.93 5.07
CA ALA A 357 6.36 8.82 5.39
C ALA A 357 5.43 9.19 6.54
N VAL A 358 4.16 8.87 6.35
CA VAL A 358 3.12 9.14 7.34
C VAL A 358 2.25 7.88 7.43
N CYS A 359 1.92 7.47 8.64
CA CYS A 359 1.04 6.31 8.83
CA CYS A 359 1.09 6.28 8.87
C CYS A 359 0.20 6.46 10.09
N PHE A 360 -1.05 6.03 9.99
CA PHE A 360 -1.96 6.04 11.13
C PHE A 360 -2.41 4.60 11.36
N ALA A 361 -2.46 4.21 12.63
CA ALA A 361 -2.96 2.88 12.99
C ALA A 361 -3.93 3.01 14.16
N ASP A 362 -5.08 2.36 14.04
CA ASP A 362 -6.12 2.46 15.05
C ASP A 362 -6.26 1.13 15.77
N MET A 363 -6.14 1.16 17.09
CA MET A 363 -6.25 -0.06 17.90
C MET A 363 -7.66 -0.23 18.46
N GLY A 364 -8.52 0.75 18.23
CA GLY A 364 -9.89 0.66 18.70
C GLY A 364 -10.30 1.94 19.40
N ASP A 365 -9.75 2.15 20.59
CA ASP A 365 -10.01 3.34 21.38
C ASP A 365 -8.90 4.36 21.18
N ARG A 366 -7.73 3.85 20.81
CA ARG A 366 -6.54 4.69 20.69
C ARG A 366 -5.78 4.33 19.43
N GLY A 367 -5.12 5.32 18.85
CA GLY A 367 -4.32 5.07 17.67
C GLY A 367 -2.86 5.38 17.87
N ALA A 368 -2.03 4.88 16.97
CA ALA A 368 -0.64 5.29 16.88
C ALA A 368 -0.40 5.89 15.48
N ALA A 369 0.50 6.86 15.39
CA ALA A 369 0.83 7.47 14.11
C ALA A 369 2.27 7.99 14.10
N PHE A 370 2.82 8.13 12.90
CA PHE A 370 4.14 8.71 12.77
C PHE A 370 4.29 9.59 11.54
N ILE A 371 5.31 10.43 11.59
CA ILE A 371 5.69 11.26 10.48
C ILE A 371 7.19 11.31 10.48
N ALA A 372 7.79 11.01 9.33
CA ALA A 372 9.23 11.05 9.18
C ALA A 372 9.62 11.75 7.89
N LEU A 373 10.52 12.71 7.97
CA LEU A 373 11.06 13.34 6.77
C LEU A 373 12.36 14.10 7.05
N PRO A 374 13.30 14.08 6.08
CA PRO A 374 13.20 13.28 4.86
C PRO A 374 13.56 11.82 5.15
N GLN A 375 14.04 11.11 4.15
CA GLN A 375 14.24 9.69 4.32
C GLN A 375 15.42 9.40 5.24
N LEU A 376 16.53 10.10 5.05
CA LEU A 376 17.76 9.83 5.78
C LEU A 376 17.88 10.71 7.03
N LYS A 377 18.51 10.17 8.07
CA LYS A 377 18.73 10.86 9.33
C LYS A 377 20.02 11.67 9.25
N PRO A 378 20.13 12.75 10.03
CA PRO A 378 19.10 13.25 10.97
C PRO A 378 17.95 13.89 10.23
N ARG A 379 16.72 13.70 10.69
CA ARG A 379 15.55 14.18 9.97
C ARG A 379 15.17 15.59 10.38
N LYS A 380 14.22 16.18 9.65
CA LYS A 380 13.68 17.49 10.01
C LYS A 380 12.44 17.31 10.86
N VAL A 381 11.78 16.18 10.66
CA VAL A 381 10.63 15.78 11.47
C VAL A 381 10.72 14.28 11.67
N ASP A 382 10.68 13.86 12.93
CA ASP A 382 10.79 12.45 13.24
C ASP A 382 9.96 12.15 14.49
N VAL A 383 8.68 11.91 14.29
CA VAL A 383 7.73 11.93 15.40
C VAL A 383 6.79 10.72 15.46
N PHE A 384 6.61 10.18 16.66
CA PHE A 384 5.68 9.08 16.89
C PHE A 384 4.64 9.52 17.91
N ALA A 385 3.37 9.29 17.61
CA ALA A 385 2.32 9.70 18.53
C ALA A 385 1.43 8.54 18.90
N TYR A 386 0.79 8.64 20.07
CA TYR A 386 -0.16 7.62 20.48
C TYR A 386 -1.27 8.24 21.29
N GLY A 387 -2.50 7.76 21.13
CA GLY A 387 -3.60 8.21 21.96
C GLY A 387 -4.98 8.13 21.33
N ARG A 388 -5.98 8.50 22.13
CA ARG A 388 -7.36 8.54 21.67
C ARG A 388 -7.52 9.52 20.51
N TRP A 389 -6.75 10.61 20.50
CA TRP A 389 -6.88 11.62 19.44
C TRP A 389 -6.44 11.10 18.08
N VAL A 390 -5.43 10.22 18.07
CA VAL A 390 -4.97 9.62 16.83
C VAL A 390 -6.10 8.78 16.24
N HIS A 391 -6.79 8.03 17.10
CA HIS A 391 -7.96 7.26 16.68
C HIS A 391 -9.03 8.18 16.09
N LEU A 392 -9.32 9.28 16.77
CA LEU A 392 -10.33 10.19 16.28
C LEU A 392 -9.94 10.77 14.92
N ALA A 393 -8.64 11.05 14.76
CA ALA A 393 -8.12 11.59 13.50
C ALA A 393 -8.21 10.58 12.35
N LYS A 394 -7.97 9.30 12.64
CA LYS A 394 -8.06 8.28 11.60
C LYS A 394 -9.50 8.23 11.11
N VAL A 395 -10.43 8.10 12.05
CA VAL A 395 -11.85 8.10 11.75
C VAL A 395 -12.25 9.30 10.89
N ALA A 396 -11.82 10.49 11.32
CA ALA A 396 -12.11 11.71 10.57
C ALA A 396 -11.53 11.68 9.16
N PHE A 397 -10.27 11.31 9.03
CA PHE A 397 -9.63 11.36 7.72
C PHE A 397 -10.27 10.38 6.73
N GLU A 398 -10.56 9.17 7.21
CA GLU A 398 -11.22 8.18 6.39
C GLU A 398 -12.55 8.70 5.85
N LYS A 399 -13.37 9.27 6.73
CA LYS A 399 -14.66 9.81 6.34
C LYS A 399 -14.45 10.89 5.26
N TYR A 400 -13.47 11.74 5.48
CA TYR A 400 -13.16 12.83 4.57
C TYR A 400 -12.65 12.32 3.21
N PHE A 401 -11.73 11.36 3.23
CA PHE A 401 -11.14 10.87 2.00
C PHE A 401 -12.18 10.20 1.12
N ILE A 402 -13.02 9.37 1.74
CA ILE A 402 -14.07 8.69 1.00
C ILE A 402 -15.06 9.68 0.38
N ARG A 403 -15.51 10.66 1.18
CA ARG A 403 -16.40 11.67 0.63
C ARG A 403 -15.77 12.39 -0.56
N LYS A 404 -14.48 12.73 -0.43
CA LYS A 404 -13.77 13.39 -1.51
C LYS A 404 -13.69 12.52 -2.77
N MET A 405 -13.50 11.22 -2.57
CA MET A 405 -13.47 10.30 -3.70
C MET A 405 -14.81 10.23 -4.44
N LYS A 406 -15.88 10.62 -3.76
CA LYS A 406 -17.20 10.62 -4.38
C LYS A 406 -17.52 11.98 -4.98
N MET A 407 -17.04 13.04 -4.35
CA MET A 407 -17.37 14.41 -4.76
C MET A 407 -16.42 14.96 -5.82
N GLY A 408 -15.23 14.38 -5.90
CA GLY A 408 -14.20 14.86 -6.81
C GLY A 408 -13.23 15.78 -6.09
N VAL A 409 -12.00 15.82 -6.58
CA VAL A 409 -11.00 16.74 -6.06
C VAL A 409 -10.54 17.64 -7.20
N SER A 410 -10.24 18.90 -6.88
CA SER A 410 -9.81 19.84 -7.90
C SER A 410 -8.42 19.48 -8.45
N GLU A 411 -7.34 19.58 -7.66
CA GLU A 411 -7.31 20.16 -6.32
C GLU A 411 -5.89 20.15 -5.79
N PRO A 412 -5.47 21.26 -5.17
CA PRO A 412 -4.34 21.17 -4.25
C PRO A 412 -4.82 20.37 -3.05
N PHE A 413 -4.86 19.05 -3.19
CA PHE A 413 -5.61 18.19 -2.27
C PHE A 413 -5.51 18.53 -0.78
N TYR A 414 -4.38 18.24 -0.16
CA TYR A 414 -4.28 18.43 1.29
C TYR A 414 -4.30 19.89 1.73
N GLU A 415 -5.53 20.40 1.84
CA GLU A 415 -5.81 21.67 2.49
C GLU A 415 -6.66 21.39 3.71
N LYS A 416 -6.68 20.13 4.14
CA LYS A 416 -7.28 19.75 5.42
C LYS A 416 -6.27 20.09 6.50
N VAL A 417 -5.36 20.98 6.14
CA VAL A 417 -4.36 21.52 7.05
C VAL A 417 -4.82 22.90 7.52
N LEU A 418 -5.89 23.40 6.89
CA LEU A 418 -6.51 24.66 7.29
C LEU A 418 -7.20 24.53 8.65
N PHE A 419 -7.10 23.35 9.28
CA PHE A 419 -7.57 23.19 10.65
C PHE A 419 -6.75 24.12 11.55
N LYS A 420 -5.78 24.78 10.93
CA LYS A 420 -5.00 25.86 11.54
C LYS A 420 -5.74 27.20 11.42
N MET A 421 -6.19 27.53 10.21
CA MET A 421 -6.87 28.79 9.96
C MET A 421 -8.11 28.94 10.83
PA FAD B . -3.47 1.25 -4.75
O1A FAD B . -3.32 -0.38 -4.45
O2A FAD B . -4.25 1.98 -3.71
O5B FAD B . -4.34 1.47 -6.16
C5B FAD B . -3.93 0.69 -7.26
C4B FAD B . -5.10 0.35 -8.20
O4B FAD B . -4.77 0.08 -9.61
C3B FAD B . -6.19 -0.65 -7.81
O3B FAD B . -7.51 -0.17 -7.82
C2B FAD B . -5.86 -1.84 -8.65
O2B FAD B . -6.78 -2.90 -8.66
C1B FAD B . -5.26 -1.26 -9.93
N9A FAD B . -4.62 -2.25 -10.80
C8A FAD B . -3.52 -3.02 -10.52
N7A FAD B . -3.14 -3.67 -11.70
C5A FAD B . -4.02 -3.26 -12.73
C6A FAD B . -4.10 -3.59 -14.10
N6A FAD B . -3.13 -4.52 -14.68
N1A FAD B . -5.06 -3.04 -14.85
C2A FAD B . -5.97 -2.14 -14.30
N3A FAD B . -5.91 -1.80 -12.95
C4A FAD B . -4.92 -2.37 -12.19
N1 FAD B . -0.63 4.91 3.64
C2 FAD B . -0.77 6.05 4.52
O2 FAD B . -0.41 7.33 4.04
N3 FAD B . -1.33 5.89 5.80
C4 FAD B . -1.78 4.60 6.24
O4 FAD B . -2.35 4.47 7.51
C4X FAD B . -1.64 3.43 5.33
N5 FAD B . -2.09 2.10 5.71
C5X FAD B . -1.94 1.00 4.81
C6 FAD B . -2.39 -0.32 5.21
C7 FAD B . -2.24 -1.43 4.30
C7M FAD B . -2.73 -2.80 4.73
C8 FAD B . -1.67 -1.22 3.02
C8M FAD B . -1.53 -2.43 2.04
C9 FAD B . -1.21 0.09 2.62
C9A FAD B . -1.37 1.20 3.54
N10 FAD B . -0.91 2.51 3.17
C10 FAD B . -1.09 3.60 4.08
C1' FAD B . 0.03 2.76 2.07
C2' FAD B . -0.64 3.45 0.86
O2' FAD B . -0.97 4.58 0.98
C3' FAD B . -1.59 2.47 0.11
O3' FAD B . -0.98 1.23 -0.14
C4' FAD B . -2.32 3.07 -1.11
O4' FAD B . -3.54 2.46 -1.40
C5' FAD B . -1.38 3.06 -2.35
O5' FAD B . -1.81 3.91 -3.36
P FAD B . -1.63 3.45 -4.94
O1P FAD B . -2.61 4.44 -5.84
O2P FAD B . -0.18 3.58 -5.30
O3P FAD B . -1.95 1.84 -5.06
C1B LMT C . 1.75 6.71 27.15
C2B LMT C . 1.18 7.23 28.41
C3B LMT C . -0.09 7.90 28.12
C4B LMT C . 0.09 8.98 27.11
C5B LMT C . 0.81 8.47 25.87
C6B LMT C . 0.99 9.52 24.84
O1B LMT C . 0.84 5.83 26.57
O2B LMT C . 1.02 6.16 29.34
O3B LMT C . -0.67 8.46 29.29
O4' LMT C . -1.18 9.48 26.77
O5B LMT C . 2.03 7.86 26.20
O6B LMT C . 1.62 9.11 23.66
C1' LMT C . 0.87 2.12 24.82
C2' LMT C . 0.69 2.16 26.31
C3' LMT C . 0.43 3.53 26.83
C4' LMT C . 1.40 4.48 26.45
C5' LMT C . 1.99 4.32 25.08
C6' LMT C . 3.42 4.59 25.22
O1' LMT C . 1.22 0.84 24.45
O2' LMT C . -0.40 1.31 26.65
O3' LMT C . 0.41 3.43 28.26
O5' LMT C . 1.89 2.98 24.41
O6' LMT C . 3.94 5.66 24.52
C1 LMT C . 0.81 0.28 23.23
C2 LMT C . 1.46 0.79 21.95
C3 LMT C . 1.46 -0.18 20.77
C4 LMT C . 1.15 0.38 19.38
C5 LMT C . 0.82 -0.58 18.30
C6 LMT C . 1.44 -0.34 16.92
C7 LMT C . 0.54 -0.25 15.69
C8 LMT C . 0.94 0.77 14.62
C9 LMT C . 2.45 1.00 14.43
C10 LMT C . 2.95 2.04 13.45
C11 LMT C . 1.98 2.67 12.52
C12 LMT C . 1.61 4.08 12.76
O2 DCQ D . -3.50 9.61 1.97
C2 DCQ D . -3.43 9.33 3.29
C3 DCQ D . -4.00 8.17 3.78
O3 DCQ D . -4.65 7.30 2.92
C3M DCQ D . -3.96 6.30 2.20
C4 DCQ D . -3.93 7.88 5.18
O4 DCQ D . -4.50 6.74 5.71
C4M DCQ D . -5.50 6.85 6.69
C5 DCQ D . -3.27 8.75 6.04
O5 DCQ D . -3.19 8.49 7.40
C1 DCQ D . -2.77 10.21 4.15
C1M DCQ D . -2.13 11.47 3.64
C6 DCQ D . -2.70 9.91 5.53
C7 DCQ D . -1.97 10.90 6.52
C8 DCQ D . -2.83 11.71 7.40
C9 DCQ D . -3.19 13.15 6.90
C10 DCQ D . -3.13 14.27 7.89
C11 DCQ D . -1.71 14.76 8.32
C12 DCQ D . -0.55 14.11 7.66
C13 DCQ D . 0.28 14.96 6.64
C14 DCQ D . 1.81 15.09 6.94
C15 DCQ D . 2.63 16.04 6.07
C16 DCQ D . 4.13 16.15 6.37
S SO4 E . -7.26 8.89 -29.37
O1 SO4 E . -6.28 8.28 -28.47
O2 SO4 E . -6.77 8.79 -30.75
O3 SO4 E . -8.54 8.19 -29.25
O4 SO4 E . -7.44 10.30 -29.03
S H2S F . -1.13 -8.20 3.28
S H2S G . 4.17 1.40 7.65
S H2S H . 1.13 2.33 7.10
S H2S H . 1.50 4.05 6.27
S H2S I . 2.69 0.80 4.10
#